data_9BQW
#
_entry.id   9BQW
#
_cell.length_a   51.105
_cell.length_b   86.461
_cell.length_c   151.484
_cell.angle_alpha   90.00
_cell.angle_beta   90.00
_cell.angle_gamma   90.00
#
_symmetry.space_group_name_H-M   'P 21 2 21'
#
loop_
_entity.id
_entity.type
_entity.pdbx_description
1 polymer 'Decorin-binding protein A'
2 polymer 'F945 Fab Heavy Chain'
3 polymer 'F945 Fab Light Chain'
4 non-polymer 'SULFATE ION'
5 water water
#
loop_
_entity_poly.entity_id
_entity_poly.type
_entity_poly.pdbx_seq_one_letter_code
_entity_poly.pdbx_strand_id
1 'polypeptide(L)'
;GLTGATKIRLERSAKDITDEIDAIKKDAALKGVNFDAFKDKKTGSGVSENPFILEAKVRATTVAEKFVIAIEEEATKLKE
TGSSGEFSAMYDLMFEVSKPLQKLGIQEMTKTVSDAAEENPPTTAQGVLEIAKKMREKLQRVHTKNYCTLKKKENSTFTD
EKC
;
A
2 'polypeptide(L)'
;QVQLVESGGGVVQPGRSLRLSCAASGFSFNTYAFHWVRQGPGKGLEWVAGISFDGSKRYYADSVKGRFTVSRDNSKNTLY
LQMNGLIPEDTAVYYCARDRRIVVVSAPGYWGQGTLVAVSSASTKGPSVFPLAPSSKSTSGGTAALGCLVKDYFPEPVTV
SWNSGALTSGVHTFPAVLQSSGLYSLSSVVTVPSSSLGTQTYICNVNHKPSNTKVDKRVEPKSCDKTH
;
H
3 'polypeptide(L)'
;DIQMTQSPSSLSASVGDRVTITCQASHDISNYLNWYQQKPGKAPKLLIFDASYLETGVPSRFSGSGSGTDFTFTINSLQS
EDIATYYCQQYDTLLSFGGGTRVEIKRTVAAPSVFIFPPSDEQLKSGTASVVCLLNNFYPREAKVQWKVDNALQSGNSQE
SVTEQDSKDSTYSLSSTLTLSKADYEKHKVYACEVTHQGLSSPVTKSFNRGEC
;
L
#
loop_
_chem_comp.id
_chem_comp.type
_chem_comp.name
_chem_comp.formula
SO4 non-polymer 'SULFATE ION' 'O4 S -2'
#
# COMPACT_ATOMS: atom_id res chain seq x y z
N GLY A 1 25.14 -14.11 -9.36
CA GLY A 1 25.47 -14.52 -8.01
C GLY A 1 26.55 -15.58 -7.93
N LEU A 2 26.21 -16.73 -7.37
CA LEU A 2 27.14 -17.84 -7.31
C LEU A 2 27.45 -18.35 -8.71
N THR A 3 28.69 -18.78 -8.91
CA THR A 3 29.14 -19.34 -10.18
C THR A 3 29.92 -20.61 -9.92
N GLY A 4 30.05 -21.42 -10.98
CA GLY A 4 30.97 -22.55 -10.95
C GLY A 4 30.61 -23.64 -9.95
N ALA A 5 31.66 -24.29 -9.42
CA ALA A 5 31.47 -25.39 -8.50
C ALA A 5 30.85 -24.93 -7.19
N THR A 6 31.17 -23.71 -6.76
CA THR A 6 30.52 -23.15 -5.58
C THR A 6 29.01 -23.15 -5.76
N LYS A 7 28.53 -22.74 -6.93
CA LYS A 7 27.10 -22.76 -7.21
C LYS A 7 26.57 -24.19 -7.19
N ILE A 8 27.28 -25.12 -7.82
CA ILE A 8 26.82 -26.51 -7.86
C ILE A 8 26.78 -27.10 -6.46
N ARG A 9 27.85 -26.90 -5.69
CA ARG A 9 27.96 -27.57 -4.40
C ARG A 9 26.94 -27.03 -3.41
N LEU A 10 26.83 -25.70 -3.30
CA LEU A 10 25.93 -25.12 -2.31
C LEU A 10 24.47 -25.40 -2.64
N GLU A 11 24.10 -25.35 -3.91
CA GLU A 11 22.73 -25.63 -4.28
C GLU A 11 22.37 -27.08 -4.01
N ARG A 12 23.28 -28.00 -4.35
CA ARG A 12 23.03 -29.41 -4.08
C ARG A 12 22.92 -29.69 -2.58
N SER A 13 23.82 -29.10 -1.78
N SER A 13 23.82 -29.10 -1.78
CA SER A 13 23.78 -29.32 -0.35
CA SER A 13 23.78 -29.32 -0.35
C SER A 13 22.53 -28.73 0.28
C SER A 13 22.52 -28.74 0.27
N ALA A 14 22.09 -27.56 -0.21
CA ALA A 14 20.83 -27.00 0.25
C ALA A 14 19.66 -27.88 -0.15
N LYS A 15 19.68 -28.41 -1.38
CA LYS A 15 18.62 -29.30 -1.83
C LYS A 15 18.61 -30.60 -1.04
N ASP A 16 19.76 -31.02 -0.52
CA ASP A 16 19.80 -32.23 0.29
C ASP A 16 19.00 -32.06 1.58
N ILE A 17 18.92 -30.83 2.12
CA ILE A 17 18.09 -30.58 3.29
C ILE A 17 16.62 -30.74 2.94
N THR A 18 16.20 -30.10 1.84
CA THR A 18 14.78 -30.11 1.51
C THR A 18 14.35 -31.50 1.06
N ASP A 19 15.27 -32.28 0.47
CA ASP A 19 14.94 -33.66 0.11
C ASP A 19 14.68 -34.49 1.36
N GLU A 20 15.52 -34.33 2.39
CA GLU A 20 15.32 -35.07 3.62
C GLU A 20 14.06 -34.63 4.34
N ILE A 21 13.81 -33.31 4.39
CA ILE A 21 12.59 -32.82 5.03
C ILE A 21 11.36 -33.32 4.30
N ASP A 22 11.38 -33.28 2.96
CA ASP A 22 10.30 -33.86 2.20
C ASP A 22 10.24 -35.37 2.38
N ALA A 23 11.38 -36.02 2.58
CA ALA A 23 11.37 -37.44 2.90
C ALA A 23 10.64 -37.70 4.20
N ILE A 24 11.02 -36.99 5.26
CA ILE A 24 10.35 -37.14 6.55
C ILE A 24 8.88 -36.76 6.45
N LYS A 25 8.58 -35.65 5.78
CA LYS A 25 7.21 -35.14 5.70
C LYS A 25 6.26 -36.15 5.07
N LYS A 26 6.76 -37.07 4.25
CA LYS A 26 5.93 -38.16 3.75
C LYS A 26 6.64 -39.51 3.85
N ASP A 27 7.55 -39.64 4.82
CA ASP A 27 8.04 -40.97 5.18
C ASP A 27 7.00 -41.74 5.96
N ALA A 28 6.36 -41.08 6.93
CA ALA A 28 5.30 -41.68 7.73
C ALA A 28 4.55 -40.58 8.45
N SER A 48 10.48 -31.55 23.19
CA SER A 48 9.36 -32.36 22.72
C SER A 48 9.53 -33.83 23.13
N GLU A 49 8.42 -34.54 23.25
CA GLU A 49 8.44 -35.96 23.59
C GLU A 49 8.00 -36.86 22.45
N ASN A 50 7.54 -36.29 21.34
CA ASN A 50 7.11 -37.11 20.21
C ASN A 50 8.34 -37.73 19.57
N PRO A 51 8.44 -39.06 19.50
CA PRO A 51 9.65 -39.69 18.95
C PRO A 51 9.86 -39.46 17.47
N PHE A 52 8.86 -38.97 16.73
CA PHE A 52 9.06 -38.61 15.33
C PHE A 52 9.61 -37.20 15.19
N ILE A 53 9.09 -36.25 15.96
CA ILE A 53 9.63 -34.90 15.98
C ILE A 53 11.08 -34.91 16.45
N LEU A 54 11.39 -35.76 17.43
CA LEU A 54 12.76 -35.88 17.92
C LEU A 54 13.70 -36.37 16.82
N GLU A 55 13.32 -37.45 16.14
CA GLU A 55 14.18 -38.02 15.10
C GLU A 55 14.29 -37.10 13.89
N ALA A 56 13.20 -36.40 13.54
CA ALA A 56 13.25 -35.50 12.40
C ALA A 56 14.24 -34.37 12.65
N LYS A 57 14.25 -33.81 13.87
CA LYS A 57 15.18 -32.74 14.18
C LYS A 57 16.62 -33.22 14.13
N VAL A 58 16.89 -34.44 14.61
CA VAL A 58 18.23 -35.01 14.51
C VAL A 58 18.61 -35.23 13.05
N ARG A 59 17.69 -35.77 12.26
CA ARG A 59 17.97 -36.03 10.85
C ARG A 59 18.19 -34.73 10.09
N ALA A 60 17.30 -33.75 10.28
CA ALA A 60 17.40 -32.51 9.52
C ALA A 60 18.64 -31.72 9.89
N THR A 61 18.99 -31.67 11.18
CA THR A 61 20.18 -30.91 11.58
C THR A 61 21.45 -31.58 11.11
N THR A 62 21.44 -32.90 10.93
CA THR A 62 22.62 -33.58 10.40
C THR A 62 22.91 -33.11 8.98
N VAL A 63 21.91 -33.18 8.10
CA VAL A 63 22.10 -32.78 6.71
C VAL A 63 22.27 -31.27 6.60
N ALA A 64 21.57 -30.51 7.44
CA ALA A 64 21.76 -29.05 7.43
C ALA A 64 23.17 -28.67 7.82
N GLU A 65 23.73 -29.36 8.83
CA GLU A 65 25.09 -29.04 9.26
C GLU A 65 26.09 -29.29 8.14
N LYS A 66 25.90 -30.37 7.38
CA LYS A 66 26.74 -30.60 6.19
C LYS A 66 26.69 -29.41 5.24
N PHE A 67 25.51 -28.80 5.09
CA PHE A 67 25.38 -27.64 4.22
C PHE A 67 26.15 -26.45 4.77
N VAL A 68 26.12 -26.24 6.08
CA VAL A 68 26.84 -25.11 6.68
C VAL A 68 28.35 -25.30 6.55
N ILE A 69 28.82 -26.54 6.68
CA ILE A 69 30.23 -26.82 6.48
C ILE A 69 30.65 -26.48 5.06
N ALA A 70 29.82 -26.87 4.08
CA ALA A 70 30.11 -26.53 2.69
C ALA A 70 30.11 -25.01 2.48
N ILE A 71 29.18 -24.31 3.13
CA ILE A 71 29.19 -22.85 3.11
C ILE A 71 30.51 -22.32 3.65
N GLU A 72 30.98 -22.91 4.76
CA GLU A 72 32.24 -22.45 5.35
C GLU A 72 33.41 -22.77 4.43
N GLU A 73 33.42 -23.96 3.82
CA GLU A 73 34.53 -24.35 2.96
C GLU A 73 34.58 -23.53 1.68
N GLU A 74 33.42 -23.26 1.06
CA GLU A 74 33.42 -22.53 -0.20
C GLU A 74 33.75 -21.06 0.01
N ALA A 75 33.32 -20.49 1.13
CA ALA A 75 33.70 -19.11 1.44
C ALA A 75 35.21 -19.00 1.65
N THR A 76 35.79 -19.96 2.38
CA THR A 76 37.24 -19.95 2.58
C THR A 76 37.98 -20.05 1.25
N LYS A 77 37.52 -20.94 0.38
CA LYS A 77 38.14 -21.10 -0.93
C LYS A 77 38.04 -19.81 -1.75
N LEU A 78 36.97 -19.03 -1.55
CA LEU A 78 36.73 -17.81 -2.30
C LEU A 78 37.21 -16.56 -1.56
N LYS A 79 38.00 -16.73 -0.51
CA LYS A 79 38.35 -15.61 0.38
C LYS A 79 39.00 -14.48 -0.39
N GLU A 80 40.01 -14.79 -1.20
CA GLU A 80 40.78 -13.75 -1.88
C GLU A 80 40.23 -13.41 -3.26
N THR A 81 39.26 -14.17 -3.77
CA THR A 81 38.79 -13.97 -5.13
C THR A 81 37.29 -13.76 -5.25
N GLY A 82 36.50 -14.07 -4.21
CA GLY A 82 35.07 -13.89 -4.31
C GLY A 82 34.67 -12.43 -4.22
N SER A 83 33.54 -12.12 -4.87
CA SER A 83 32.99 -10.78 -4.90
C SER A 83 31.92 -10.63 -3.83
N SER A 84 31.44 -9.40 -3.66
CA SER A 84 30.41 -9.13 -2.66
C SER A 84 29.14 -9.92 -2.98
N GLY A 85 28.75 -9.98 -4.25
CA GLY A 85 27.53 -10.66 -4.63
C GLY A 85 27.58 -12.16 -4.43
N GLU A 86 28.75 -12.77 -4.59
CA GLU A 86 28.88 -14.20 -4.33
C GLU A 86 28.65 -14.51 -2.86
N PHE A 87 29.31 -13.77 -1.97
CA PHE A 87 29.16 -14.00 -0.54
C PHE A 87 27.73 -13.71 -0.07
N SER A 88 27.12 -12.66 -0.61
CA SER A 88 25.73 -12.37 -0.26
C SER A 88 24.80 -13.47 -0.73
N ALA A 89 25.11 -14.08 -1.88
CA ALA A 89 24.28 -15.19 -2.35
C ALA A 89 24.38 -16.39 -1.43
N MET A 90 25.53 -16.58 -0.75
CA MET A 90 25.62 -17.67 0.22
C MET A 90 24.73 -17.40 1.43
N TYR A 91 24.66 -16.15 1.88
CA TYR A 91 23.72 -15.82 2.94
C TYR A 91 22.28 -16.01 2.48
N ASP A 92 21.97 -15.58 1.25
CA ASP A 92 20.63 -15.78 0.73
C ASP A 92 20.23 -17.25 0.75
N LEU A 93 21.17 -18.14 0.40
CA LEU A 93 20.88 -19.57 0.50
C LEU A 93 20.64 -20.00 1.93
N MET A 94 21.46 -19.49 2.86
CA MET A 94 21.30 -19.88 4.26
C MET A 94 19.94 -19.44 4.80
N PHE A 95 19.52 -18.22 4.45
CA PHE A 95 18.19 -17.75 4.83
C PHE A 95 17.10 -18.64 4.25
N GLU A 96 17.25 -19.01 2.98
CA GLU A 96 16.22 -19.82 2.32
C GLU A 96 16.09 -21.19 2.98
N VAL A 97 17.22 -21.85 3.30
CA VAL A 97 17.14 -23.18 3.89
C VAL A 97 16.70 -23.12 5.35
N SER A 98 16.76 -21.94 5.98
CA SER A 98 16.31 -21.84 7.36
C SER A 98 14.79 -21.92 7.47
N LYS A 99 14.07 -21.52 6.42
CA LYS A 99 12.61 -21.54 6.50
C LYS A 99 12.06 -22.96 6.66
N PRO A 100 12.35 -23.93 5.77
CA PRO A 100 11.86 -25.29 6.04
C PRO A 100 12.38 -25.89 7.33
N LEU A 101 13.60 -25.51 7.77
CA LEU A 101 14.10 -26.00 9.05
C LEU A 101 13.28 -25.44 10.22
N GLN A 102 12.89 -24.16 10.15
CA GLN A 102 12.07 -23.57 11.19
C GLN A 102 10.67 -24.19 11.22
N LYS A 103 10.12 -24.50 10.05
CA LYS A 103 8.80 -25.13 10.00
C LYS A 103 8.79 -26.52 10.61
N LEU A 104 9.96 -27.12 10.81
CA LEU A 104 10.07 -28.42 11.46
C LEU A 104 10.02 -28.33 12.98
N GLY A 105 10.00 -27.13 13.54
CA GLY A 105 10.02 -26.95 14.99
C GLY A 105 11.26 -26.27 15.54
N ILE A 106 12.31 -26.08 14.76
CA ILE A 106 13.50 -25.37 15.23
C ILE A 106 13.20 -23.89 15.19
N GLN A 107 12.73 -23.33 16.30
CA GLN A 107 12.28 -21.95 16.24
C GLN A 107 13.45 -20.97 16.28
N GLU A 108 13.18 -19.79 15.73
CA GLU A 108 14.17 -18.73 15.56
C GLU A 108 15.37 -19.18 14.73
N MET A 109 15.19 -20.21 13.89
CA MET A 109 16.26 -20.58 12.97
C MET A 109 16.51 -19.48 11.94
N THR A 110 15.43 -18.89 11.41
CA THR A 110 15.57 -17.77 10.49
C THR A 110 16.13 -16.54 11.19
N LYS A 111 15.64 -16.25 12.39
CA LYS A 111 16.14 -15.09 13.12
C LYS A 111 17.63 -15.22 13.43
N THR A 112 18.10 -16.44 13.68
CA THR A 112 19.51 -16.66 13.98
C THR A 112 20.41 -16.18 12.83
N VAL A 113 20.13 -16.66 11.61
CA VAL A 113 20.95 -16.25 10.47
C VAL A 113 20.68 -14.79 10.10
N SER A 114 19.45 -14.31 10.26
CA SER A 114 19.12 -12.95 9.86
C SER A 114 19.74 -11.93 10.81
N ASP A 115 19.77 -12.23 12.11
CA ASP A 115 20.42 -11.34 13.06
C ASP A 115 21.94 -11.35 12.89
N ALA A 116 22.51 -12.52 12.56
CA ALA A 116 23.94 -12.60 12.34
C ALA A 116 24.36 -11.83 11.11
N ALA A 117 23.52 -11.81 10.08
CA ALA A 117 23.83 -11.02 8.87
C ALA A 117 23.84 -9.53 9.16
N GLU A 118 23.00 -9.07 10.09
CA GLU A 118 23.05 -7.65 10.46
C GLU A 118 24.36 -7.31 11.16
N GLU A 119 24.83 -8.17 12.06
N GLU A 119 24.84 -8.18 12.05
CA GLU A 119 26.07 -7.91 12.79
CA GLU A 119 26.07 -7.89 12.78
C GLU A 119 27.28 -8.01 11.87
C GLU A 119 27.29 -8.02 11.88
N ASN A 120 27.32 -9.03 11.02
CA ASN A 120 28.42 -9.26 10.10
C ASN A 120 27.85 -9.45 8.69
N PRO A 121 27.59 -8.36 7.99
CA PRO A 121 26.97 -8.46 6.66
C PRO A 121 27.80 -9.29 5.71
N PRO A 122 27.17 -10.06 4.84
CA PRO A 122 27.89 -11.06 4.01
C PRO A 122 28.49 -10.45 2.75
N THR A 123 29.36 -9.45 2.94
CA THR A 123 30.08 -8.86 1.83
C THR A 123 31.49 -9.42 1.66
N THR A 124 32.02 -10.10 2.67
CA THR A 124 33.33 -10.73 2.60
C THR A 124 33.20 -12.19 3.03
N ALA A 125 34.27 -12.93 2.79
CA ALA A 125 34.32 -14.32 3.25
C ALA A 125 34.22 -14.39 4.77
N GLN A 126 34.87 -13.47 5.47
CA GLN A 126 34.79 -13.47 6.93
C GLN A 126 33.36 -13.22 7.40
N GLY A 127 32.62 -12.37 6.70
CA GLY A 127 31.23 -12.12 7.07
C GLY A 127 30.36 -13.35 6.95
N VAL A 128 30.53 -14.12 5.86
CA VAL A 128 29.78 -15.36 5.69
C VAL A 128 30.18 -16.37 6.78
N LEU A 129 31.46 -16.39 7.14
CA LEU A 129 31.93 -17.32 8.16
C LEU A 129 31.30 -17.03 9.52
N GLU A 130 31.18 -15.76 9.88
CA GLU A 130 30.53 -15.39 11.13
C GLU A 130 29.07 -15.83 11.14
N ILE A 131 28.35 -15.58 10.04
CA ILE A 131 26.98 -16.04 9.92
C ILE A 131 26.92 -17.55 10.02
N ALA A 132 27.77 -18.23 9.26
CA ALA A 132 27.76 -19.69 9.26
C ALA A 132 28.13 -20.26 10.62
N LYS A 133 28.99 -19.57 11.37
CA LYS A 133 29.38 -20.06 12.70
C LYS A 133 28.17 -20.10 13.63
N LYS A 134 27.35 -19.04 13.63
CA LYS A 134 26.18 -19.01 14.50
C LYS A 134 25.12 -19.98 14.03
N MET A 135 24.97 -20.14 12.71
CA MET A 135 24.02 -21.13 12.20
C MET A 135 24.44 -22.55 12.57
N ARG A 136 25.74 -22.86 12.42
CA ARG A 136 26.22 -24.19 12.78
C ARG A 136 26.03 -24.44 14.27
N GLU A 137 26.38 -23.45 15.10
CA GLU A 137 26.24 -23.62 16.55
C GLU A 137 24.79 -23.87 16.93
N LYS A 138 23.86 -23.12 16.33
CA LYS A 138 22.44 -23.36 16.59
C LYS A 138 22.02 -24.76 16.18
N LEU A 139 22.46 -25.20 14.99
CA LEU A 139 22.08 -26.52 14.51
C LEU A 139 22.65 -27.62 15.39
N GLN A 140 23.80 -27.38 16.02
CA GLN A 140 24.39 -28.40 16.88
C GLN A 140 23.64 -28.53 18.20
N ARG A 141 23.26 -27.41 18.81
CA ARG A 141 22.48 -27.47 20.04
C ARG A 141 21.17 -28.21 19.82
N VAL A 142 20.50 -27.95 18.70
CA VAL A 142 19.24 -28.63 18.40
C VAL A 142 19.49 -30.11 18.16
N HIS A 143 20.56 -30.42 17.42
CA HIS A 143 20.93 -31.81 17.19
C HIS A 143 21.25 -32.54 18.49
N THR A 144 22.00 -31.91 19.38
CA THR A 144 22.42 -32.57 20.61
C THR A 144 21.23 -32.75 21.56
N LYS A 145 20.39 -31.73 21.70
CA LYS A 145 19.27 -31.82 22.64
C LYS A 145 18.28 -32.89 22.22
N ASN A 146 17.97 -32.97 20.93
CA ASN A 146 16.99 -33.94 20.46
C ASN A 146 17.55 -35.36 20.48
N TYR A 147 18.82 -35.51 20.11
CA TYR A 147 19.44 -36.83 20.12
C TYR A 147 19.53 -37.38 21.54
N CYS A 148 19.95 -36.55 22.50
CA CYS A 148 20.08 -37.02 23.88
C CYS A 148 18.73 -37.33 24.51
N THR A 149 17.64 -36.76 23.98
CA THR A 149 16.31 -37.08 24.50
C THR A 149 15.84 -38.46 24.07
N LEU A 150 16.37 -38.99 22.96
CA LEU A 150 15.95 -40.31 22.49
C LEU A 150 16.11 -41.37 23.57
N LYS A 151 17.28 -41.40 24.21
CA LYS A 151 17.53 -42.25 25.38
C LYS A 151 17.18 -43.73 25.13
N GLN B 1 16.85 8.68 3.62
CA GLN B 1 16.42 9.63 2.60
C GLN B 1 15.74 8.88 1.46
N VAL B 2 15.61 7.55 1.64
CA VAL B 2 15.16 6.62 0.60
C VAL B 2 13.99 7.18 -0.18
N GLN B 3 14.09 7.17 -1.51
CA GLN B 3 13.01 7.55 -2.39
C GLN B 3 12.84 6.49 -3.47
N LEU B 4 11.59 6.20 -3.82
CA LEU B 4 11.26 5.32 -4.94
C LEU B 4 10.19 6.01 -5.77
N VAL B 5 10.48 6.22 -7.05
CA VAL B 5 9.57 6.92 -7.94
C VAL B 5 9.22 6.00 -9.10
N GLU B 6 7.95 5.57 -9.15
CA GLU B 6 7.46 4.81 -10.29
C GLU B 6 7.12 5.74 -11.44
N SER B 7 7.04 5.16 -12.64
CA SER B 7 6.69 5.92 -13.83
C SER B 7 6.19 4.96 -14.89
N GLY B 8 5.46 5.50 -15.86
CA GLY B 8 4.92 4.74 -16.97
C GLY B 8 3.43 4.51 -16.93
N GLY B 9 2.73 5.01 -15.92
CA GLY B 9 1.30 4.83 -15.86
C GLY B 9 0.55 5.72 -16.83
N GLY B 10 -0.72 5.37 -17.04
CA GLY B 10 -1.60 6.04 -17.96
C GLY B 10 -2.48 5.04 -18.67
N VAL B 11 -3.10 5.49 -19.76
CA VAL B 11 -4.01 4.62 -20.51
C VAL B 11 -3.21 3.69 -21.40
N VAL B 12 -3.62 2.42 -21.42
CA VAL B 12 -3.13 1.44 -22.38
C VAL B 12 -4.31 0.61 -22.85
N GLN B 13 -4.40 0.39 -24.16
CA GLN B 13 -5.52 -0.38 -24.70
C GLN B 13 -5.42 -1.84 -24.26
N PRO B 14 -6.56 -2.51 -24.06
CA PRO B 14 -6.52 -3.91 -23.64
C PRO B 14 -5.80 -4.77 -24.66
N GLY B 15 -5.00 -5.73 -24.16
CA GLY B 15 -4.23 -6.60 -25.00
C GLY B 15 -2.92 -6.04 -25.49
N ARG B 16 -2.53 -4.85 -25.03
CA ARG B 16 -1.28 -4.22 -25.42
C ARG B 16 -0.25 -4.39 -24.32
N SER B 17 0.90 -3.75 -24.49
CA SER B 17 2.00 -3.87 -23.54
C SER B 17 2.31 -2.51 -22.93
N LEU B 18 2.71 -2.53 -21.65
CA LEU B 18 3.14 -1.34 -20.93
C LEU B 18 4.29 -1.70 -20.02
N ARG B 19 5.27 -0.81 -19.92
CA ARG B 19 6.45 -1.00 -19.09
C ARG B 19 6.47 0.01 -17.96
N LEU B 20 6.80 -0.45 -16.76
CA LEU B 20 6.90 0.40 -15.59
C LEU B 20 8.34 0.38 -15.09
N SER B 21 8.84 1.54 -14.68
CA SER B 21 10.18 1.65 -14.11
C SER B 21 10.06 2.25 -12.71
N CYS B 22 11.17 2.20 -11.96
CA CYS B 22 11.19 2.71 -10.59
C CYS B 22 12.62 3.14 -10.29
N ALA B 23 12.79 4.42 -9.90
CA ALA B 23 14.09 4.95 -9.52
C ALA B 23 14.39 4.64 -8.06
N ALA B 24 15.67 4.73 -7.70
CA ALA B 24 16.17 4.12 -6.46
C ALA B 24 16.63 5.10 -5.39
N SER B 25 17.42 6.12 -5.74
CA SER B 25 18.18 6.90 -4.74
C SER B 25 17.31 7.31 -3.56
N GLY B 26 17.90 7.27 -2.35
CA GLY B 26 19.29 6.94 -2.10
C GLY B 26 19.57 5.92 -0.99
N PHE B 27 20.08 4.77 -1.42
CA PHE B 27 20.51 3.68 -0.55
C PHE B 27 21.36 2.75 -1.40
N SER B 28 21.83 1.66 -0.79
CA SER B 28 22.64 0.68 -1.52
C SER B 28 21.71 -0.20 -2.34
N PHE B 29 21.52 0.17 -3.61
CA PHE B 29 20.54 -0.49 -4.46
C PHE B 29 20.87 -1.97 -4.64
N ASN B 30 22.15 -2.30 -4.79
CA ASN B 30 22.57 -3.68 -5.05
C ASN B 30 22.38 -4.58 -3.85
N THR B 31 22.12 -4.03 -2.66
CA THR B 31 21.98 -4.85 -1.46
C THR B 31 20.60 -5.50 -1.35
N TYR B 32 19.58 -4.92 -1.96
CA TYR B 32 18.20 -5.23 -1.63
C TYR B 32 17.47 -5.94 -2.78
N ALA B 33 16.50 -6.76 -2.40
CA ALA B 33 15.52 -7.30 -3.32
C ALA B 33 14.34 -6.32 -3.43
N PHE B 34 13.57 -6.48 -4.50
CA PHE B 34 12.48 -5.53 -4.77
C PHE B 34 11.20 -6.28 -5.08
N HIS B 35 10.07 -5.60 -4.85
CA HIS B 35 8.75 -6.16 -5.04
C HIS B 35 7.88 -5.21 -5.84
N TRP B 36 6.92 -5.79 -6.56
CA TRP B 36 5.86 -5.02 -7.20
C TRP B 36 4.54 -5.40 -6.54
N VAL B 37 3.81 -4.39 -6.04
CA VAL B 37 2.51 -4.57 -5.40
C VAL B 37 1.53 -3.62 -6.07
N ARG B 38 0.35 -4.13 -6.43
CA ARG B 38 -0.67 -3.31 -7.07
C ARG B 38 -1.95 -3.30 -6.24
N GLN B 39 -2.72 -2.22 -6.38
CA GLN B 39 -3.96 -2.03 -5.64
C GLN B 39 -5.01 -1.47 -6.58
N GLY B 40 -6.00 -2.30 -6.93
CA GLY B 40 -7.09 -1.85 -7.76
C GLY B 40 -7.88 -0.75 -7.07
N PRO B 41 -8.69 -0.03 -7.85
CA PRO B 41 -9.43 1.09 -7.27
C PRO B 41 -10.46 0.62 -6.25
N GLY B 42 -10.30 1.03 -5.00
CA GLY B 42 -11.18 0.59 -3.93
C GLY B 42 -10.94 -0.83 -3.46
N LYS B 43 -9.87 -1.47 -3.89
CA LYS B 43 -9.61 -2.88 -3.63
C LYS B 43 -8.45 -3.02 -2.66
N GLY B 44 -8.08 -4.29 -2.39
CA GLY B 44 -6.99 -4.59 -1.50
C GLY B 44 -5.66 -4.74 -2.22
N LEU B 45 -4.62 -4.93 -1.43
CA LEU B 45 -3.27 -5.04 -1.97
C LEU B 45 -3.03 -6.44 -2.52
N GLU B 46 -2.44 -6.50 -3.72
CA GLU B 46 -2.09 -7.78 -4.34
C GLU B 46 -0.61 -7.78 -4.67
N TRP B 47 0.14 -8.66 -4.01
CA TRP B 47 1.53 -8.86 -4.40
C TRP B 47 1.58 -9.50 -5.77
N VAL B 48 2.38 -8.93 -6.67
CA VAL B 48 2.39 -9.28 -8.08
C VAL B 48 3.69 -9.98 -8.47
N ALA B 49 4.84 -9.36 -8.16
CA ALA B 49 6.12 -9.89 -8.59
C ALA B 49 7.20 -9.47 -7.60
N GLY B 50 8.28 -10.25 -7.60
CA GLY B 50 9.44 -9.93 -6.79
C GLY B 50 10.70 -10.41 -7.47
N ILE B 51 11.82 -9.77 -7.17
CA ILE B 51 13.11 -10.15 -7.72
C ILE B 51 14.16 -10.06 -6.62
N SER B 52 15.08 -11.03 -6.61
CA SER B 52 16.12 -11.10 -5.61
C SER B 52 17.17 -10.00 -5.83
N PHE B 53 18.10 -9.89 -4.87
CA PHE B 53 19.08 -8.81 -4.92
C PHE B 53 19.96 -8.93 -6.16
N ASP B 54 20.37 -10.14 -6.52
CA ASP B 54 20.81 -10.41 -7.87
C ASP B 54 19.59 -10.85 -8.68
N GLY B 55 19.64 -10.63 -9.98
CA GLY B 55 18.49 -10.94 -10.81
C GLY B 55 18.32 -12.43 -11.08
N SER B 56 18.95 -13.27 -10.25
CA SER B 56 18.97 -14.70 -10.52
C SER B 56 17.66 -15.41 -10.17
N LYS B 57 16.81 -14.81 -9.34
CA LYS B 57 15.51 -15.38 -9.00
C LYS B 57 14.43 -14.33 -9.20
N ARG B 58 13.38 -14.69 -9.93
CA ARG B 58 12.20 -13.84 -10.12
C ARG B 58 10.96 -14.63 -9.71
N TYR B 59 10.05 -13.98 -8.99
CA TYR B 59 8.84 -14.62 -8.48
C TYR B 59 7.61 -13.84 -8.93
N TYR B 60 6.56 -14.58 -9.31
CA TYR B 60 5.32 -13.97 -9.80
C TYR B 60 4.09 -14.59 -9.17
N ALA B 61 3.10 -13.76 -8.87
CA ALA B 61 1.82 -14.25 -8.41
C ALA B 61 1.14 -15.04 -9.52
N ASP B 62 0.26 -15.96 -9.11
CA ASP B 62 -0.42 -16.82 -10.08
C ASP B 62 -1.26 -16.01 -11.06
N SER B 63 -1.72 -14.82 -10.65
CA SER B 63 -2.57 -14.01 -11.53
C SER B 63 -1.79 -13.36 -12.67
N VAL B 64 -0.47 -13.25 -12.55
CA VAL B 64 0.34 -12.59 -13.56
C VAL B 64 1.49 -13.46 -14.06
N LYS B 65 1.61 -14.69 -13.59
CA LYS B 65 2.70 -15.56 -14.01
C LYS B 65 2.54 -15.91 -15.49
N GLY B 66 3.66 -15.88 -16.23
CA GLY B 66 3.65 -16.10 -17.66
C GLY B 66 3.25 -14.90 -18.48
N ARG B 67 2.86 -13.81 -17.83
CA ARG B 67 2.42 -12.59 -18.51
C ARG B 67 3.23 -11.36 -18.11
N PHE B 68 3.76 -11.35 -16.89
CA PHE B 68 4.58 -10.28 -16.37
C PHE B 68 6.01 -10.77 -16.23
N THR B 69 6.97 -9.88 -16.44
CA THR B 69 8.37 -10.14 -16.16
C THR B 69 8.96 -8.94 -15.43
N VAL B 70 9.72 -9.20 -14.38
CA VAL B 70 10.36 -8.17 -13.57
C VAL B 70 11.86 -8.27 -13.77
N SER B 71 12.52 -7.12 -13.90
CA SER B 71 13.96 -7.08 -14.11
C SER B 71 14.55 -5.89 -13.36
N ARG B 72 15.87 -5.95 -13.15
CA ARG B 72 16.59 -4.87 -12.50
C ARG B 72 17.83 -4.53 -13.31
N ASP B 73 18.28 -3.28 -13.16
CA ASP B 73 19.53 -2.82 -13.75
C ASP B 73 20.30 -2.10 -12.63
N ASN B 74 21.27 -2.79 -12.04
CA ASN B 74 22.05 -2.19 -10.97
C ASN B 74 22.82 -0.97 -11.44
N SER B 75 23.21 -0.94 -12.72
CA SER B 75 23.99 0.20 -13.21
C SER B 75 23.16 1.47 -13.23
N LYS B 76 21.87 1.37 -13.54
CA LYS B 76 20.99 2.53 -13.57
C LYS B 76 20.15 2.68 -12.31
N ASN B 77 20.29 1.76 -11.36
CA ASN B 77 19.54 1.81 -10.11
C ASN B 77 18.03 1.89 -10.36
N THR B 78 17.55 1.11 -11.33
CA THR B 78 16.13 1.14 -11.66
C THR B 78 15.59 -0.28 -11.69
N LEU B 79 14.33 -0.41 -11.30
CA LEU B 79 13.62 -1.67 -11.31
C LEU B 79 12.55 -1.59 -12.40
N TYR B 80 12.31 -2.72 -13.08
CA TYR B 80 11.44 -2.74 -14.23
C TYR B 80 10.37 -3.82 -14.09
N LEU B 81 9.22 -3.57 -14.72
CA LEU B 81 8.13 -4.53 -14.75
C LEU B 81 7.50 -4.49 -16.14
N GLN B 82 7.67 -5.56 -16.91
CA GLN B 82 7.08 -5.66 -18.23
C GLN B 82 5.70 -6.29 -18.12
N MET B 83 4.68 -5.60 -18.63
CA MET B 83 3.30 -6.07 -18.60
C MET B 83 2.84 -6.31 -20.02
N ASN B 84 2.63 -7.59 -20.37
CA ASN B 84 2.14 -7.99 -21.68
C ASN B 84 0.67 -8.38 -21.58
N GLY B 85 -0.01 -8.33 -22.74
CA GLY B 85 -1.40 -8.74 -22.85
C GLY B 85 -2.31 -8.22 -21.74
N LEU B 86 -2.41 -6.90 -21.61
CA LEU B 86 -3.09 -6.29 -20.48
C LEU B 86 -4.61 -6.50 -20.55
N ILE B 87 -5.21 -6.68 -19.39
CA ILE B 87 -6.66 -6.88 -19.28
C ILE B 87 -7.20 -5.85 -18.30
N PRO B 88 -8.48 -5.50 -18.40
CA PRO B 88 -9.04 -4.45 -17.53
C PRO B 88 -8.88 -4.74 -16.04
N GLU B 89 -8.77 -6.01 -15.66
CA GLU B 89 -8.53 -6.37 -14.27
C GLU B 89 -7.13 -5.99 -13.80
N ASP B 90 -6.24 -5.60 -14.72
CA ASP B 90 -4.92 -5.11 -14.34
C ASP B 90 -4.92 -3.65 -13.93
N THR B 91 -6.04 -2.95 -14.11
CA THR B 91 -6.16 -1.55 -13.73
C THR B 91 -5.93 -1.38 -12.23
N ALA B 92 -4.85 -0.72 -11.86
CA ALA B 92 -4.49 -0.57 -10.46
C ALA B 92 -3.38 0.46 -10.34
N VAL B 93 -3.10 0.84 -9.10
CA VAL B 93 -1.93 1.65 -8.80
C VAL B 93 -0.81 0.68 -8.45
N TYR B 94 0.26 0.68 -9.26
CA TYR B 94 1.36 -0.26 -9.07
C TYR B 94 2.43 0.39 -8.23
N TYR B 95 2.79 -0.27 -7.13
CA TYR B 95 3.79 0.22 -6.19
C TYR B 95 5.07 -0.59 -6.36
N CYS B 96 6.20 0.11 -6.47
N CYS B 96 6.20 0.12 -6.44
CA CYS B 96 7.51 -0.51 -6.37
CA CYS B 96 7.52 -0.48 -6.36
C CYS B 96 7.99 -0.39 -4.93
C CYS B 96 8.00 -0.38 -4.93
N ALA B 97 8.44 -1.51 -4.37
CA ALA B 97 8.87 -1.55 -2.97
C ALA B 97 10.21 -2.24 -2.80
N ARG B 98 11.04 -1.67 -1.93
CA ARG B 98 12.31 -2.26 -1.53
C ARG B 98 12.12 -3.15 -0.32
N ASP B 99 12.85 -4.26 -0.28
CA ASP B 99 12.64 -5.23 0.79
C ASP B 99 13.12 -4.68 2.13
N ARG B 100 12.43 -5.10 3.19
CA ARG B 100 12.75 -4.64 4.54
C ARG B 100 14.14 -5.11 4.97
N ARG B 101 14.50 -6.35 4.62
CA ARG B 101 15.81 -6.88 4.98
C ARG B 101 16.81 -6.68 3.84
N ILE B 102 18.09 -6.82 4.19
CA ILE B 102 19.16 -6.86 3.19
C ILE B 102 19.15 -8.22 2.51
N VAL B 103 19.52 -8.23 1.22
CA VAL B 103 19.75 -9.44 0.44
C VAL B 103 18.45 -10.19 0.19
N VAL B 104 17.83 -10.71 1.25
CA VAL B 104 16.77 -11.70 1.12
C VAL B 104 15.45 -11.08 0.68
N VAL B 105 14.53 -11.93 0.24
CA VAL B 105 13.17 -11.54 -0.12
C VAL B 105 12.26 -11.86 1.06
N SER B 106 11.85 -10.85 1.83
CA SER B 106 10.95 -11.13 2.94
C SER B 106 9.67 -10.28 2.93
N ALA B 107 9.81 -8.98 2.67
CA ALA B 107 8.68 -8.08 2.87
C ALA B 107 8.94 -6.70 2.29
N PRO B 108 7.96 -6.09 1.64
CA PRO B 108 8.11 -4.71 1.16
C PRO B 108 8.20 -3.71 2.29
N GLY B 109 9.38 -3.11 2.49
CA GLY B 109 9.59 -2.17 3.57
C GLY B 109 9.39 -0.72 3.17
N TYR B 110 10.10 -0.26 2.15
CA TYR B 110 9.98 1.09 1.63
C TYR B 110 9.24 1.07 0.30
N TRP B 111 8.19 1.87 0.19
CA TRP B 111 7.34 1.90 -0.98
C TRP B 111 7.52 3.20 -1.74
N GLY B 112 7.20 3.15 -3.04
CA GLY B 112 7.07 4.34 -3.84
C GLY B 112 5.68 4.95 -3.71
N GLN B 113 5.46 6.04 -4.45
CA GLN B 113 4.16 6.67 -4.47
C GLN B 113 3.14 5.90 -5.30
N GLY B 114 3.59 5.04 -6.20
CA GLY B 114 2.70 4.28 -7.06
C GLY B 114 2.30 5.04 -8.31
N THR B 115 2.16 4.32 -9.42
CA THR B 115 1.70 4.91 -10.68
C THR B 115 0.45 4.15 -11.15
N LEU B 116 -0.51 4.90 -11.69
CA LEU B 116 -1.82 4.36 -12.02
C LEU B 116 -1.86 3.88 -13.47
N VAL B 117 -2.29 2.65 -13.67
CA VAL B 117 -2.40 2.06 -15.00
C VAL B 117 -3.89 1.85 -15.29
N ALA B 118 -4.37 2.45 -16.38
CA ALA B 118 -5.77 2.36 -16.78
C ALA B 118 -5.85 1.54 -18.07
N VAL B 119 -6.24 0.27 -17.93
CA VAL B 119 -6.38 -0.61 -19.10
C VAL B 119 -7.74 -0.35 -19.74
N SER B 120 -7.80 0.58 -20.68
CA SER B 120 -9.05 0.96 -21.31
C SER B 120 -8.80 1.35 -22.75
N SER B 121 -9.86 1.29 -23.56
CA SER B 121 -9.82 1.77 -24.93
C SER B 121 -10.26 3.22 -25.06
N ALA B 122 -10.63 3.87 -23.94
CA ALA B 122 -11.04 5.25 -23.97
C ALA B 122 -9.82 6.17 -24.15
N SER B 123 -10.08 7.36 -24.67
CA SER B 123 -9.02 8.32 -24.97
C SER B 123 -8.66 9.14 -23.74
N THR B 124 -7.40 9.54 -23.67
CA THR B 124 -6.94 10.42 -22.61
C THR B 124 -7.49 11.82 -22.82
N LYS B 125 -8.06 12.41 -21.77
CA LYS B 125 -8.62 13.75 -21.86
C LYS B 125 -8.21 14.55 -20.63
N GLY B 126 -7.69 15.75 -20.87
CA GLY B 126 -7.34 16.66 -19.80
C GLY B 126 -8.57 17.35 -19.22
N PRO B 127 -8.46 17.82 -17.99
CA PRO B 127 -9.61 18.40 -17.30
C PRO B 127 -9.76 19.89 -17.53
N SER B 128 -10.99 20.35 -17.32
CA SER B 128 -11.31 21.77 -17.29
C SER B 128 -11.44 22.19 -15.83
N VAL B 129 -10.88 23.35 -15.50
CA VAL B 129 -10.81 23.83 -14.13
C VAL B 129 -11.67 25.07 -14.00
N PHE B 130 -12.60 25.05 -13.04
CA PHE B 130 -13.50 26.16 -12.77
C PHE B 130 -13.43 26.54 -11.31
N PRO B 131 -13.57 27.82 -10.99
CA PRO B 131 -13.50 28.26 -9.60
C PRO B 131 -14.84 28.17 -8.88
N LEU B 132 -14.75 27.97 -7.56
CA LEU B 132 -15.90 27.91 -6.68
C LEU B 132 -15.79 29.10 -5.72
N ALA B 133 -16.42 30.21 -6.11
CA ALA B 133 -16.23 31.47 -5.41
C ALA B 133 -16.98 31.45 -4.07
N PRO B 134 -16.41 32.06 -3.03
CA PRO B 134 -17.10 32.12 -1.72
C PRO B 134 -18.15 33.23 -1.71
N SER B 135 -19.00 33.16 -0.68
CA SER B 135 -20.05 34.15 -0.49
C SER B 135 -20.24 34.51 0.99
N GLY B 142 -16.88 34.97 10.21
CA GLY B 142 -16.46 33.64 10.65
C GLY B 142 -15.52 32.97 9.66
N THR B 143 -15.97 31.86 9.08
CA THR B 143 -15.18 31.12 8.12
C THR B 143 -15.90 31.08 6.77
N ALA B 144 -15.14 31.26 5.70
CA ALA B 144 -15.65 31.16 4.34
C ALA B 144 -15.03 29.95 3.65
N ALA B 145 -15.74 29.42 2.66
CA ALA B 145 -15.29 28.26 1.91
C ALA B 145 -15.17 28.62 0.43
N LEU B 146 -14.09 28.15 -0.18
CA LEU B 146 -13.86 28.31 -1.61
C LEU B 146 -13.18 27.05 -2.13
N GLY B 147 -13.20 26.88 -3.44
CA GLY B 147 -12.61 25.68 -4.00
C GLY B 147 -12.46 25.76 -5.51
N CYS B 148 -12.11 24.60 -6.08
CA CYS B 148 -11.94 24.45 -7.52
C CYS B 148 -12.72 23.23 -7.99
N LEU B 149 -13.21 23.30 -9.22
CA LEU B 149 -13.98 22.22 -9.83
C LEU B 149 -13.17 21.67 -11.00
N VAL B 150 -12.60 20.48 -10.83
CA VAL B 150 -11.85 19.79 -11.87
C VAL B 150 -12.80 18.82 -12.56
N LYS B 151 -13.08 19.06 -13.83
CA LYS B 151 -14.18 18.38 -14.50
C LYS B 151 -13.72 17.76 -15.82
N ASP B 152 -14.29 16.58 -16.11
CA ASP B 152 -14.19 15.92 -17.42
C ASP B 152 -12.74 15.62 -17.80
N TYR B 153 -12.13 14.71 -17.03
CA TYR B 153 -10.81 14.20 -17.36
C TYR B 153 -10.80 12.68 -17.35
N PHE B 154 -9.81 12.12 -18.04
CA PHE B 154 -9.57 10.69 -18.07
C PHE B 154 -8.12 10.42 -18.47
N PRO B 155 -7.41 9.51 -17.78
CA PRO B 155 -7.83 8.71 -16.63
C PRO B 155 -7.47 9.38 -15.33
N GLU B 156 -7.59 8.64 -14.23
CA GLU B 156 -7.11 9.10 -12.95
C GLU B 156 -5.57 9.05 -12.94
N PRO B 157 -4.93 9.84 -12.07
CA PRO B 157 -5.48 10.78 -11.09
C PRO B 157 -5.21 12.24 -11.44
N VAL B 158 -5.80 13.16 -10.69
CA VAL B 158 -5.39 14.56 -10.69
C VAL B 158 -4.95 14.92 -9.29
N THR B 159 -3.94 15.78 -9.19
CA THR B 159 -3.46 16.30 -7.92
C THR B 159 -3.82 17.78 -7.85
N VAL B 160 -4.40 18.19 -6.73
CA VAL B 160 -4.80 19.58 -6.52
C VAL B 160 -4.09 20.07 -5.26
N SER B 161 -3.21 21.05 -5.44
CA SER B 161 -2.53 21.72 -4.33
C SER B 161 -2.97 23.17 -4.28
N TRP B 162 -2.90 23.76 -3.09
CA TRP B 162 -3.35 25.13 -2.90
C TRP B 162 -2.17 26.03 -2.57
N ASN B 163 -2.11 27.19 -3.23
CA ASN B 163 -1.02 28.14 -3.06
C ASN B 163 0.33 27.45 -3.27
N SER B 164 0.39 26.59 -4.28
CA SER B 164 1.59 25.81 -4.60
C SER B 164 2.07 25.04 -3.37
N GLY B 165 1.12 24.51 -2.61
CA GLY B 165 1.42 23.73 -1.42
C GLY B 165 1.54 24.52 -0.14
N ALA B 166 1.51 25.85 -0.20
CA ALA B 166 1.61 26.64 1.02
C ALA B 166 0.39 26.47 1.90
N LEU B 167 -0.80 26.37 1.28
CA LEU B 167 -2.05 26.21 2.01
C LEU B 167 -2.35 24.73 2.20
N THR B 168 -2.36 24.29 3.45
CA THR B 168 -2.50 22.87 3.76
C THR B 168 -3.66 22.59 4.72
N SER B 169 -3.96 23.53 5.62
CA SER B 169 -5.02 23.31 6.59
C SER B 169 -6.38 23.65 5.99
N GLY B 170 -7.38 22.83 6.31
CA GLY B 170 -8.72 23.05 5.84
C GLY B 170 -8.99 22.60 4.42
N VAL B 171 -8.03 21.96 3.76
CA VAL B 171 -8.20 21.52 2.39
C VAL B 171 -8.97 20.19 2.39
N HIS B 172 -9.97 20.09 1.52
CA HIS B 172 -10.72 18.85 1.33
C HIS B 172 -10.79 18.61 -0.17
N THR B 173 -9.86 17.83 -0.69
CA THR B 173 -9.90 17.37 -2.07
C THR B 173 -10.71 16.07 -2.12
N PHE B 174 -11.87 16.13 -2.75
CA PHE B 174 -12.80 15.01 -2.73
C PHE B 174 -12.34 13.91 -3.69
N PRO B 175 -12.72 12.67 -3.40
CA PRO B 175 -12.49 11.59 -4.37
C PRO B 175 -13.21 11.87 -5.68
N ALA B 176 -12.59 11.46 -6.78
CA ALA B 176 -13.17 11.65 -8.10
C ALA B 176 -14.40 10.77 -8.27
N VAL B 177 -15.41 11.30 -8.96
CA VAL B 177 -16.60 10.53 -9.33
C VAL B 177 -16.58 10.33 -10.84
N LEU B 178 -17.08 9.18 -11.27
CA LEU B 178 -17.14 8.82 -12.69
C LEU B 178 -18.52 9.20 -13.22
N GLN B 179 -18.58 10.25 -14.04
CA GLN B 179 -19.85 10.70 -14.57
C GLN B 179 -20.32 9.77 -15.68
N SER B 180 -21.57 9.99 -16.11
CA SER B 180 -22.14 9.16 -17.17
C SER B 180 -21.42 9.32 -18.49
N SER B 181 -20.68 10.43 -18.68
CA SER B 181 -19.94 10.61 -19.92
C SER B 181 -18.71 9.72 -20.02
N GLY B 182 -18.36 9.02 -18.95
CA GLY B 182 -17.14 8.24 -18.89
C GLY B 182 -15.93 8.99 -18.40
N LEU B 183 -16.03 10.30 -18.23
CA LEU B 183 -14.95 11.14 -17.74
C LEU B 183 -15.11 11.40 -16.25
N TYR B 184 -13.99 11.70 -15.59
CA TYR B 184 -13.96 11.87 -14.15
C TYR B 184 -14.18 13.33 -13.77
N SER B 185 -14.82 13.53 -12.62
CA SER B 185 -15.04 14.84 -12.05
C SER B 185 -14.61 14.83 -10.59
N LEU B 186 -14.09 15.96 -10.13
CA LEU B 186 -13.57 16.10 -8.78
C LEU B 186 -13.69 17.55 -8.36
N SER B 187 -13.89 17.77 -7.07
CA SER B 187 -13.94 19.10 -6.51
C SER B 187 -13.02 19.14 -5.29
N SER B 188 -12.15 20.15 -5.24
CA SER B 188 -11.31 20.39 -4.09
C SER B 188 -11.71 21.72 -3.47
N VAL B 189 -11.93 21.72 -2.15
CA VAL B 189 -12.39 22.91 -1.44
C VAL B 189 -11.48 23.17 -0.26
N VAL B 190 -11.54 24.41 0.23
CA VAL B 190 -10.76 24.83 1.39
C VAL B 190 -11.58 25.82 2.21
N THR B 191 -11.40 25.77 3.52
CA THR B 191 -12.05 26.69 4.45
C THR B 191 -10.99 27.67 4.96
N VAL B 192 -11.25 28.95 4.76
CA VAL B 192 -10.32 29.99 5.19
C VAL B 192 -11.10 31.09 5.91
N PRO B 193 -10.50 31.82 6.83
CA PRO B 193 -11.21 32.94 7.47
C PRO B 193 -11.65 33.96 6.45
N SER B 194 -12.86 34.51 6.67
CA SER B 194 -13.40 35.50 5.75
C SER B 194 -12.61 36.80 5.77
N SER B 195 -11.84 37.05 6.83
CA SER B 195 -10.97 38.22 6.87
C SER B 195 -9.89 38.15 5.80
N SER B 196 -9.32 36.95 5.60
CA SER B 196 -8.31 36.74 4.57
C SER B 196 -8.99 36.35 3.26
N LEU B 197 -9.74 37.30 2.73
CA LEU B 197 -10.43 37.13 1.46
C LEU B 197 -9.99 38.14 0.41
N GLY B 198 -9.82 39.40 0.80
CA GLY B 198 -9.27 40.42 -0.07
C GLY B 198 -7.81 40.71 0.16
N THR B 199 -7.12 39.92 0.98
CA THR B 199 -5.71 40.10 1.26
C THR B 199 -4.85 38.88 0.96
N GLN B 200 -5.42 37.68 0.96
CA GLN B 200 -4.71 36.45 0.63
C GLN B 200 -5.23 35.93 -0.69
N THR B 201 -4.33 35.75 -1.66
CA THR B 201 -4.71 35.17 -2.94
C THR B 201 -4.71 33.65 -2.83
N TYR B 202 -5.80 33.03 -3.29
CA TYR B 202 -5.98 31.59 -3.21
C TYR B 202 -5.98 31.02 -4.63
N ILE B 203 -4.97 30.19 -4.92
CA ILE B 203 -4.82 29.56 -6.23
C ILE B 203 -4.69 28.06 -6.03
N CYS B 204 -5.41 27.29 -6.84
CA CYS B 204 -5.31 25.84 -6.82
C CYS B 204 -4.49 25.38 -8.02
N ASN B 205 -3.55 24.47 -7.75
CA ASN B 205 -2.66 23.95 -8.79
C ASN B 205 -3.14 22.56 -9.17
N VAL B 206 -3.71 22.43 -10.36
CA VAL B 206 -4.29 21.18 -10.84
C VAL B 206 -3.30 20.54 -11.80
N ASN B 207 -3.00 19.26 -11.58
CA ASN B 207 -2.08 18.51 -12.40
C ASN B 207 -2.73 17.23 -12.88
N HIS B 208 -2.66 16.99 -14.19
CA HIS B 208 -3.10 15.74 -14.80
C HIS B 208 -1.96 15.24 -15.68
N LYS B 209 -1.11 14.39 -15.09
CA LYS B 209 0.08 13.91 -15.81
C LYS B 209 -0.23 13.14 -17.09
N PRO B 210 -1.24 12.26 -17.18
CA PRO B 210 -1.41 11.51 -18.44
C PRO B 210 -1.72 12.39 -19.64
N SER B 211 -2.24 13.60 -19.42
CA SER B 211 -2.56 14.52 -20.51
C SER B 211 -1.67 15.76 -20.52
N ASN B 212 -0.69 15.84 -19.62
CA ASN B 212 0.22 16.98 -19.52
C ASN B 212 -0.57 18.29 -19.33
N THR B 213 -1.39 18.29 -18.28
CA THR B 213 -2.25 19.42 -17.96
C THR B 213 -1.77 20.03 -16.65
N LYS B 214 -1.02 21.13 -16.75
CA LYS B 214 -0.62 21.93 -15.60
C LYS B 214 -1.42 23.22 -15.67
N VAL B 215 -2.39 23.35 -14.76
CA VAL B 215 -3.31 24.49 -14.76
C VAL B 215 -3.39 25.06 -13.36
N ASP B 216 -3.19 26.37 -13.24
CA ASP B 216 -3.38 27.11 -11.99
C ASP B 216 -4.49 28.11 -12.21
N LYS B 217 -5.47 28.13 -11.30
CA LYS B 217 -6.63 28.99 -11.44
C LYS B 217 -6.83 29.81 -10.17
N ARG B 218 -6.99 31.11 -10.33
CA ARG B 218 -7.25 32.00 -9.21
C ARG B 218 -8.71 31.88 -8.79
N VAL B 219 -8.94 31.84 -7.47
CA VAL B 219 -10.28 31.82 -6.91
C VAL B 219 -10.45 33.08 -6.07
N GLU B 220 -11.39 33.93 -6.46
CA GLU B 220 -11.66 35.18 -5.78
C GLU B 220 -13.16 35.31 -5.52
N PRO B 221 -13.55 36.07 -4.49
CA PRO B 221 -14.97 36.30 -4.24
C PRO B 221 -15.63 37.05 -5.37
N LYS B 222 -16.92 36.76 -5.59
CA LYS B 222 -17.67 37.39 -6.66
C LYS B 222 -17.90 38.88 -6.40
N ASP C 1 -1.60 -22.96 -3.10
CA ASP C 1 -1.01 -21.73 -2.58
C ASP C 1 -1.35 -21.54 -1.10
N ILE C 2 -1.03 -20.36 -0.57
CA ILE C 2 -1.36 -19.98 0.80
C ILE C 2 -2.45 -18.92 0.72
N GLN C 3 -3.58 -19.19 1.37
CA GLN C 3 -4.70 -18.25 1.43
C GLN C 3 -4.67 -17.54 2.78
N MET C 4 -4.60 -16.22 2.75
CA MET C 4 -4.66 -15.43 3.96
C MET C 4 -6.06 -14.84 4.07
N THR C 5 -6.79 -15.22 5.11
CA THR C 5 -8.13 -14.70 5.36
C THR C 5 -8.05 -13.80 6.59
N GLN C 6 -8.47 -12.55 6.42
CA GLN C 6 -8.37 -11.55 7.46
C GLN C 6 -9.75 -11.24 8.03
N SER C 7 -9.80 -10.94 9.32
CA SER C 7 -11.07 -10.67 9.96
C SER C 7 -10.89 -9.67 11.09
N PRO C 8 -11.86 -8.78 11.32
CA PRO C 8 -13.12 -8.59 10.59
C PRO C 8 -12.90 -7.81 9.31
N SER C 9 -13.90 -7.76 8.42
CA SER C 9 -13.75 -6.94 7.22
C SER C 9 -13.64 -5.47 7.60
N SER C 10 -14.44 -5.01 8.55
CA SER C 10 -14.33 -3.65 9.04
C SER C 10 -14.82 -3.60 10.48
N LEU C 11 -14.40 -2.56 11.20
CA LEU C 11 -14.81 -2.38 12.58
C LEU C 11 -14.86 -0.89 12.89
N SER C 12 -15.64 -0.56 13.93
CA SER C 12 -15.78 0.80 14.41
C SER C 12 -15.43 0.82 15.89
N ALA C 13 -14.42 1.60 16.26
CA ALA C 13 -13.97 1.70 17.64
C ALA C 13 -13.78 3.16 18.01
N SER C 14 -13.96 3.46 19.28
CA SER C 14 -13.76 4.82 19.75
C SER C 14 -12.30 5.04 20.16
N VAL C 15 -11.91 6.32 20.21
CA VAL C 15 -10.55 6.66 20.60
C VAL C 15 -10.29 6.16 22.02
N GLY C 16 -9.18 5.45 22.19
CA GLY C 16 -8.82 4.85 23.45
C GLY C 16 -9.13 3.37 23.57
N ASP C 17 -9.96 2.83 22.68
CA ASP C 17 -10.30 1.41 22.74
C ASP C 17 -9.12 0.54 22.35
N ARG C 18 -9.26 -0.75 22.63
CA ARG C 18 -8.27 -1.75 22.25
C ARG C 18 -8.82 -2.52 21.05
N VAL C 19 -8.16 -2.36 19.90
CA VAL C 19 -8.58 -2.95 18.63
C VAL C 19 -7.77 -4.23 18.40
N THR C 20 -8.45 -5.30 17.99
CA THR C 20 -7.79 -6.56 17.69
C THR C 20 -8.22 -7.04 16.31
N ILE C 21 -7.25 -7.42 15.48
CA ILE C 21 -7.47 -7.92 14.13
C ILE C 21 -6.84 -9.30 14.03
N THR C 22 -7.51 -10.22 13.34
CA THR C 22 -6.99 -11.57 13.17
C THR C 22 -6.71 -11.86 11.70
N CYS C 23 -5.58 -12.52 11.45
CA CYS C 23 -5.23 -13.16 10.20
C CYS C 23 -5.19 -14.67 10.39
N GLN C 24 -5.72 -15.41 9.42
CA GLN C 24 -5.63 -16.86 9.41
C GLN C 24 -5.01 -17.34 8.11
N ALA C 25 -4.01 -18.20 8.22
CA ALA C 25 -3.31 -18.75 7.07
C ALA C 25 -3.85 -20.15 6.79
N SER C 26 -4.03 -20.46 5.49
CA SER C 26 -4.61 -21.75 5.13
C SER C 26 -3.69 -22.90 5.48
N HIS C 27 -2.38 -22.65 5.55
CA HIS C 27 -1.37 -23.63 5.90
C HIS C 27 -0.41 -23.02 6.92
N ASP C 28 0.40 -23.86 7.55
CA ASP C 28 1.42 -23.37 8.46
C ASP C 28 2.38 -22.44 7.72
N ILE C 29 2.65 -21.29 8.32
CA ILE C 29 3.59 -20.32 7.75
C ILE C 29 4.55 -19.86 8.83
N SER C 30 4.60 -20.60 9.94
CA SER C 30 5.48 -20.31 11.07
C SER C 30 5.20 -18.87 11.51
N ASN C 31 6.21 -18.00 11.62
CA ASN C 31 5.99 -16.59 11.92
C ASN C 31 6.38 -15.70 10.76
N TYR C 32 6.35 -16.21 9.52
CA TYR C 32 6.69 -15.43 8.34
C TYR C 32 5.48 -14.58 7.91
N LEU C 33 5.12 -13.65 8.79
CA LEU C 33 3.90 -12.87 8.72
C LEU C 33 4.20 -11.44 9.14
N ASN C 34 3.70 -10.48 8.37
CA ASN C 34 3.92 -9.07 8.67
C ASN C 34 2.58 -8.35 8.66
N TRP C 35 2.53 -7.21 9.34
CA TRP C 35 1.31 -6.41 9.45
C TRP C 35 1.55 -5.01 8.92
N TYR C 36 0.68 -4.56 8.01
CA TYR C 36 0.81 -3.28 7.32
C TYR C 36 -0.35 -2.37 7.65
N GLN C 37 -0.08 -1.07 7.64
CA GLN C 37 -1.09 -0.04 7.86
C GLN C 37 -1.07 0.90 6.68
N GLN C 38 -2.22 1.09 6.03
CA GLN C 38 -2.34 2.00 4.88
C GLN C 38 -3.32 3.11 5.22
N LYS C 39 -2.81 4.27 5.59
CA LYS C 39 -3.66 5.43 5.82
C LYS C 39 -4.20 5.93 4.49
N PRO C 40 -5.35 6.63 4.50
CA PRO C 40 -5.95 7.07 3.24
C PRO C 40 -5.01 7.93 2.42
N GLY C 41 -4.95 7.64 1.12
CA GLY C 41 -4.11 8.36 0.19
C GLY C 41 -2.63 8.03 0.25
N LYS C 42 -2.23 7.09 1.10
CA LYS C 42 -0.82 6.82 1.33
C LYS C 42 -0.47 5.40 0.89
N ALA C 43 0.83 5.16 0.77
CA ALA C 43 1.33 3.82 0.53
C ALA C 43 1.33 3.03 1.83
N PRO C 44 1.26 1.70 1.75
CA PRO C 44 1.26 0.88 2.98
C PRO C 44 2.57 1.03 3.75
N LYS C 45 2.46 0.95 5.07
CA LYS C 45 3.59 1.10 5.98
C LYS C 45 3.65 -0.12 6.90
N LEU C 46 4.81 -0.76 6.95
CA LEU C 46 4.98 -1.94 7.79
C LEU C 46 5.06 -1.53 9.25
N LEU C 47 4.22 -2.14 10.08
CA LEU C 47 4.18 -1.90 11.52
C LEU C 47 4.78 -3.03 12.34
N ILE C 48 4.42 -4.27 12.03
CA ILE C 48 4.93 -5.44 12.73
C ILE C 48 5.54 -6.38 11.70
N PHE C 49 6.72 -6.90 12.01
CA PHE C 49 7.38 -7.90 11.17
C PHE C 49 7.61 -9.17 11.96
N ASP C 50 7.60 -10.30 11.25
CA ASP C 50 7.77 -11.61 11.86
C ASP C 50 6.75 -11.85 12.98
N ALA C 51 5.57 -11.26 12.82
CA ALA C 51 4.33 -11.54 13.55
C ALA C 51 4.31 -11.02 14.98
N SER C 52 5.45 -10.60 15.52
CA SER C 52 5.48 -10.15 16.91
C SER C 52 6.51 -9.07 17.19
N TYR C 53 7.26 -8.62 16.19
CA TYR C 53 8.36 -7.69 16.40
C TYR C 53 7.97 -6.32 15.88
N LEU C 54 8.02 -5.33 16.76
CA LEU C 54 7.66 -3.96 16.41
C LEU C 54 8.76 -3.33 15.57
N GLU C 55 8.38 -2.76 14.43
CA GLU C 55 9.35 -2.08 13.59
C GLU C 55 9.85 -0.81 14.26
N THR C 56 11.11 -0.46 13.98
CA THR C 56 11.72 0.71 14.62
C THR C 56 10.97 1.97 14.22
N GLY C 57 10.67 2.81 15.21
CA GLY C 57 9.95 4.04 15.00
C GLY C 57 8.44 3.94 15.09
N VAL C 58 7.89 2.73 15.12
CA VAL C 58 6.45 2.52 15.26
C VAL C 58 6.06 2.75 16.71
N PRO C 59 4.96 3.44 16.98
CA PRO C 59 4.56 3.67 18.38
C PRO C 59 4.28 2.36 19.11
N SER C 60 4.54 2.39 20.43
CA SER C 60 4.43 1.19 21.25
C SER C 60 3.01 0.64 21.28
N ARG C 61 2.00 1.45 20.96
CA ARG C 61 0.62 0.99 21.09
C ARG C 61 0.28 -0.13 20.13
N PHE C 62 1.09 -0.37 19.10
CA PHE C 62 0.87 -1.47 18.18
C PHE C 62 1.64 -2.70 18.61
N SER C 63 1.03 -3.86 18.43
CA SER C 63 1.64 -5.12 18.83
C SER C 63 1.12 -6.23 17.93
N GLY C 64 1.79 -7.38 18.00
CA GLY C 64 1.39 -8.53 17.22
C GLY C 64 1.75 -9.81 17.93
N SER C 65 0.98 -10.85 17.65
CA SER C 65 1.20 -12.14 18.29
C SER C 65 0.77 -13.24 17.33
N GLY C 66 1.25 -14.45 17.62
CA GLY C 66 0.80 -15.63 16.89
C GLY C 66 1.89 -16.34 16.11
N SER C 67 1.70 -17.64 15.88
CA SER C 67 2.62 -18.44 15.10
C SER C 67 1.85 -19.65 14.56
N GLY C 68 2.23 -20.08 13.35
CA GLY C 68 1.56 -21.18 12.72
C GLY C 68 0.50 -20.73 11.73
N THR C 69 -0.78 -20.81 12.12
CA THR C 69 -1.87 -20.45 11.24
C THR C 69 -2.70 -19.26 11.72
N ASP C 70 -2.76 -19.00 13.02
CA ASP C 70 -3.58 -17.94 13.57
C ASP C 70 -2.71 -16.80 14.10
N PHE C 71 -3.04 -15.57 13.69
CA PHE C 71 -2.26 -14.40 14.05
C PHE C 71 -3.19 -13.28 14.51
N THR C 72 -2.63 -12.40 15.33
CA THR C 72 -3.37 -11.32 15.96
C THR C 72 -2.57 -10.03 15.91
N PHE C 73 -3.24 -8.94 15.57
CA PHE C 73 -2.68 -7.59 15.56
C PHE C 73 -3.51 -6.73 16.49
N THR C 74 -2.85 -5.96 17.34
CA THR C 74 -3.53 -5.21 18.39
C THR C 74 -3.07 -3.76 18.42
N ILE C 75 -4.01 -2.85 18.61
CA ILE C 75 -3.73 -1.44 18.89
C ILE C 75 -4.21 -1.18 20.32
N ASN C 76 -3.27 -0.92 21.22
CA ASN C 76 -3.59 -0.89 22.65
C ASN C 76 -4.54 0.24 22.99
N SER C 77 -4.26 1.44 22.50
CA SER C 77 -5.10 2.62 22.73
C SER C 77 -5.29 3.31 21.38
N LEU C 78 -6.43 3.07 20.75
CA LEU C 78 -6.65 3.57 19.40
C LEU C 78 -6.65 5.09 19.37
N GLN C 79 -5.91 5.66 18.42
CA GLN C 79 -5.83 7.09 18.23
C GLN C 79 -6.55 7.49 16.96
N SER C 80 -6.99 8.75 16.92
CA SER C 80 -7.71 9.24 15.75
C SER C 80 -6.87 9.09 14.50
N GLU C 81 -5.57 9.37 14.60
CA GLU C 81 -4.67 9.27 13.44
C GLU C 81 -4.49 7.83 12.98
N ASP C 82 -4.99 6.85 13.73
CA ASP C 82 -4.77 5.45 13.41
C ASP C 82 -5.77 4.93 12.38
N ILE C 83 -6.68 5.75 11.88
CA ILE C 83 -7.65 5.27 10.91
C ILE C 83 -6.92 4.89 9.62
N ALA C 84 -7.13 3.65 9.19
CA ALA C 84 -6.46 3.10 8.03
C ALA C 84 -7.09 1.75 7.74
N THR C 85 -6.60 1.10 6.70
CA THR C 85 -6.90 -0.31 6.45
C THR C 85 -5.64 -1.11 6.74
N TYR C 86 -5.79 -2.17 7.52
CA TYR C 86 -4.65 -2.96 7.99
C TYR C 86 -4.62 -4.28 7.24
N TYR C 87 -3.44 -4.66 6.75
CA TYR C 87 -3.23 -5.88 5.98
C TYR C 87 -2.19 -6.75 6.66
N CYS C 88 -2.46 -8.06 6.72
CA CYS C 88 -1.41 -9.02 7.03
C CYS C 88 -0.77 -9.45 5.73
N GLN C 89 0.46 -9.94 5.82
CA GLN C 89 1.21 -10.38 4.65
C GLN C 89 2.09 -11.54 5.05
N GLN C 90 2.00 -12.64 4.31
CA GLN C 90 2.83 -13.81 4.55
C GLN C 90 3.93 -13.90 3.51
N TYR C 91 5.07 -14.48 3.91
CA TYR C 91 6.13 -14.77 2.93
C TYR C 91 6.66 -16.19 3.09
N ASP C 92 5.77 -17.12 3.47
CA ASP C 92 6.15 -18.52 3.49
C ASP C 92 6.26 -19.08 2.07
N THR C 93 5.20 -18.94 1.27
CA THR C 93 5.18 -19.34 -0.12
C THR C 93 4.92 -18.10 -0.96
N LEU C 94 5.91 -17.67 -1.71
CA LEU C 94 5.85 -16.42 -2.49
C LEU C 94 5.52 -15.29 -1.50
N LEU C 95 4.73 -14.31 -1.90
CA LEU C 95 4.17 -13.33 -0.98
C LEU C 95 2.72 -13.12 -1.35
N SER C 96 1.91 -12.80 -0.34
CA SER C 96 0.50 -12.51 -0.56
C SER C 96 0.00 -11.70 0.62
N PHE C 97 -1.07 -10.94 0.38
CA PHE C 97 -1.70 -10.13 1.41
C PHE C 97 -3.06 -10.72 1.77
N GLY C 98 -3.55 -10.34 2.96
CA GLY C 98 -4.93 -10.58 3.31
C GLY C 98 -5.84 -9.55 2.67
N GLY C 99 -7.16 -9.79 2.80
CA GLY C 99 -8.13 -8.86 2.25
C GLY C 99 -8.17 -7.51 2.94
N GLY C 100 -7.56 -7.39 4.11
CA GLY C 100 -7.51 -6.12 4.80
C GLY C 100 -8.66 -5.91 5.77
N THR C 101 -8.43 -5.06 6.77
CA THR C 101 -9.43 -4.72 7.77
C THR C 101 -9.54 -3.21 7.87
N ARG C 102 -10.73 -2.68 7.60
CA ARG C 102 -10.97 -1.25 7.68
C ARG C 102 -11.26 -0.85 9.12
N VAL C 103 -10.49 0.10 9.65
CA VAL C 103 -10.66 0.59 11.01
C VAL C 103 -11.24 2.00 10.93
N GLU C 104 -12.49 2.15 11.36
CA GLU C 104 -13.13 3.44 11.46
C GLU C 104 -13.17 3.88 12.92
N ILE C 105 -13.31 5.19 13.12
CA ILE C 105 -13.26 5.79 14.46
C ILE C 105 -14.66 6.25 14.83
N LYS C 106 -15.15 5.77 15.97
CA LYS C 106 -16.43 6.19 16.51
C LYS C 106 -16.21 7.42 17.38
N ARG C 107 -16.94 8.50 17.09
CA ARG C 107 -16.80 9.75 17.80
C ARG C 107 -18.19 10.30 18.09
N THR C 108 -18.24 11.46 18.76
CA THR C 108 -19.53 12.07 19.04
C THR C 108 -20.14 12.66 17.77
N VAL C 109 -21.45 12.89 17.84
CA VAL C 109 -22.19 13.38 16.68
C VAL C 109 -21.75 14.81 16.38
N ALA C 110 -21.43 15.08 15.11
CA ALA C 110 -21.00 16.40 14.67
C ALA C 110 -21.86 16.84 13.49
N ALA C 111 -22.46 18.03 13.61
CA ALA C 111 -23.30 18.57 12.54
C ALA C 111 -22.44 19.17 11.43
N PRO C 112 -22.89 19.10 10.18
CA PRO C 112 -22.09 19.62 9.07
C PRO C 112 -22.28 21.11 8.87
N SER C 113 -21.25 21.74 8.32
CA SER C 113 -21.33 23.11 7.84
C SER C 113 -21.71 23.07 6.37
N VAL C 114 -22.81 23.74 6.01
CA VAL C 114 -23.40 23.63 4.68
C VAL C 114 -23.12 24.89 3.88
N PHE C 115 -22.58 24.71 2.67
CA PHE C 115 -22.27 25.80 1.76
C PHE C 115 -22.84 25.48 0.39
N ILE C 116 -23.13 26.52 -0.37
CA ILE C 116 -23.70 26.40 -1.72
C ILE C 116 -22.84 27.19 -2.69
N PHE C 117 -22.52 26.57 -3.82
CA PHE C 117 -21.66 27.19 -4.82
C PHE C 117 -22.37 27.25 -6.16
N PRO C 118 -22.59 28.42 -6.74
CA PRO C 118 -23.23 28.50 -8.05
C PRO C 118 -22.24 28.10 -9.13
N PRO C 119 -22.72 27.75 -10.32
CA PRO C 119 -21.81 27.47 -11.43
C PRO C 119 -21.00 28.70 -11.80
N SER C 120 -19.73 28.48 -12.15
CA SER C 120 -18.86 29.59 -12.51
C SER C 120 -19.29 30.19 -13.84
N ASP C 121 -19.00 31.48 -14.00
CA ASP C 121 -19.28 32.13 -15.27
C ASP C 121 -18.49 31.48 -16.41
N GLU C 122 -17.25 31.06 -16.12
CA GLU C 122 -16.43 30.43 -17.14
C GLU C 122 -17.02 29.11 -17.62
N GLN C 123 -17.48 28.27 -16.68
CA GLN C 123 -18.09 27.00 -17.06
C GLN C 123 -19.42 27.20 -17.76
N LEU C 124 -20.18 28.22 -17.35
CA LEU C 124 -21.46 28.49 -18.01
C LEU C 124 -21.28 28.74 -19.50
N LYS C 125 -20.15 29.35 -19.89
CA LYS C 125 -19.88 29.59 -21.30
C LYS C 125 -19.76 28.31 -22.09
N SER C 126 -19.49 27.18 -21.44
CA SER C 126 -19.37 25.89 -22.12
C SER C 126 -20.72 25.25 -22.40
N GLY C 127 -21.80 25.73 -21.79
CA GLY C 127 -23.12 25.17 -21.99
C GLY C 127 -23.57 24.19 -20.93
N THR C 128 -22.80 23.99 -19.86
CA THR C 128 -23.17 23.12 -18.76
C THR C 128 -22.97 23.86 -17.45
N ALA C 129 -23.94 23.75 -16.55
CA ALA C 129 -23.88 24.40 -15.24
C ALA C 129 -23.81 23.35 -14.14
N SER C 130 -22.83 23.49 -13.26
CA SER C 130 -22.66 22.61 -12.11
C SER C 130 -22.85 23.42 -10.84
N VAL C 131 -23.79 23.00 -10.00
CA VAL C 131 -24.02 23.61 -8.69
C VAL C 131 -23.49 22.65 -7.64
N VAL C 132 -22.67 23.16 -6.73
CA VAL C 132 -21.96 22.35 -5.76
C VAL C 132 -22.45 22.70 -4.36
N CYS C 133 -22.78 21.66 -3.59
CA CYS C 133 -23.13 21.80 -2.18
C CYS C 133 -22.12 21.05 -1.33
N LEU C 134 -21.57 21.73 -0.33
CA LEU C 134 -20.52 21.18 0.52
C LEU C 134 -21.06 20.94 1.92
N LEU C 135 -20.86 19.73 2.42
CA LEU C 135 -21.12 19.38 3.81
C LEU C 135 -19.77 19.13 4.47
N ASN C 136 -19.39 20.00 5.41
CA ASN C 136 -18.03 20.05 5.92
C ASN C 136 -17.95 19.54 7.35
N ASN C 137 -17.09 18.55 7.58
CA ASN C 137 -16.63 18.14 8.91
C ASN C 137 -17.81 17.71 9.81
N PHE C 138 -18.43 16.60 9.41
CA PHE C 138 -19.55 16.04 10.15
C PHE C 138 -19.27 14.57 10.52
N TYR C 139 -20.04 14.09 11.50
CA TYR C 139 -20.04 12.69 11.92
C TYR C 139 -21.43 12.37 12.44
N PRO C 140 -22.01 11.21 12.07
CA PRO C 140 -21.44 10.13 11.26
C PRO C 140 -21.59 10.37 9.76
N ARG C 141 -21.18 9.37 8.96
CA ARG C 141 -21.13 9.54 7.51
C ARG C 141 -22.51 9.75 6.92
N GLU C 142 -23.51 9.09 7.47
CA GLU C 142 -24.85 9.05 6.91
C GLU C 142 -25.48 10.44 6.86
N ALA C 143 -25.69 10.95 5.65
CA ALA C 143 -26.30 12.25 5.43
C ALA C 143 -27.23 12.16 4.24
N LYS C 144 -28.22 13.04 4.20
CA LYS C 144 -29.16 13.11 3.08
C LYS C 144 -29.08 14.50 2.46
N VAL C 145 -28.82 14.56 1.16
CA VAL C 145 -28.70 15.82 0.44
C VAL C 145 -29.80 15.86 -0.61
N GLN C 146 -30.67 16.87 -0.52
CA GLN C 146 -31.77 17.06 -1.45
C GLN C 146 -31.55 18.34 -2.24
N TRP C 147 -31.65 18.26 -3.55
CA TRP C 147 -31.52 19.41 -4.43
C TRP C 147 -32.91 19.91 -4.82
N LYS C 148 -33.11 21.22 -4.72
CA LYS C 148 -34.40 21.84 -5.00
C LYS C 148 -34.18 23.03 -5.92
N VAL C 149 -34.75 22.97 -7.12
CA VAL C 149 -34.68 24.05 -8.09
C VAL C 149 -36.09 24.61 -8.28
N ASP C 150 -36.31 25.84 -7.84
CA ASP C 150 -37.63 26.46 -7.80
C ASP C 150 -38.63 25.58 -7.06
N ASN C 151 -38.22 25.12 -5.87
CA ASN C 151 -39.00 24.29 -4.97
C ASN C 151 -39.31 22.91 -5.54
N ALA C 152 -38.71 22.54 -6.66
CA ALA C 152 -38.95 21.25 -7.29
C ALA C 152 -37.84 20.29 -6.89
N LEU C 153 -38.21 19.16 -6.31
CA LEU C 153 -37.23 18.16 -5.91
C LEU C 153 -36.57 17.54 -7.14
N GLN C 154 -35.28 17.24 -7.03
CA GLN C 154 -34.49 16.73 -8.14
C GLN C 154 -33.97 15.34 -7.81
N SER C 155 -33.80 14.53 -8.86
CA SER C 155 -33.26 13.19 -8.70
C SER C 155 -32.65 12.76 -10.03
N GLY C 156 -31.51 12.05 -9.94
CA GLY C 156 -30.83 11.54 -11.11
C GLY C 156 -29.85 12.50 -11.77
N ASN C 157 -29.78 13.75 -11.30
CA ASN C 157 -28.89 14.75 -11.87
C ASN C 157 -27.78 15.16 -10.90
N SER C 158 -27.54 14.39 -9.85
CA SER C 158 -26.55 14.71 -8.85
C SER C 158 -25.70 13.49 -8.54
N GLN C 159 -24.45 13.75 -8.17
CA GLN C 159 -23.55 12.71 -7.70
C GLN C 159 -22.89 13.18 -6.41
N GLU C 160 -22.69 12.23 -5.49
CA GLU C 160 -22.12 12.52 -4.18
C GLU C 160 -20.70 12.00 -4.11
N SER C 161 -19.86 12.73 -3.38
CA SER C 161 -18.51 12.31 -3.06
C SER C 161 -18.27 12.57 -1.59
N VAL C 162 -17.70 11.58 -0.89
CA VAL C 162 -17.44 11.67 0.55
C VAL C 162 -15.96 11.45 0.78
N THR C 163 -15.32 12.36 1.51
CA THR C 163 -13.92 12.18 1.84
C THR C 163 -13.77 11.06 2.87
N GLU C 164 -12.55 10.54 2.96
CA GLU C 164 -12.24 9.59 4.01
C GLU C 164 -12.30 10.28 5.36
N GLN C 165 -12.51 9.49 6.41
CA GLN C 165 -12.61 10.06 7.74
C GLN C 165 -11.29 10.73 8.14
N ASP C 166 -11.41 11.92 8.72
CA ASP C 166 -10.24 12.74 9.01
C ASP C 166 -9.37 12.10 10.09
N SER C 167 -8.06 12.20 9.91
CA SER C 167 -7.13 11.63 10.87
C SER C 167 -7.03 12.44 12.16
N LYS C 168 -7.47 13.70 12.14
CA LYS C 168 -7.33 14.56 13.30
C LYS C 168 -8.60 14.62 14.15
N ASP C 169 -9.76 14.89 13.54
CA ASP C 169 -11.01 14.98 14.27
C ASP C 169 -12.01 13.89 13.91
N SER C 170 -11.64 12.96 13.02
CA SER C 170 -12.47 11.80 12.69
C SER C 170 -13.81 12.20 12.07
N THR C 171 -13.86 13.31 11.36
CA THR C 171 -15.08 13.77 10.72
C THR C 171 -15.02 13.51 9.21
N TYR C 172 -16.20 13.46 8.60
CA TYR C 172 -16.35 13.30 7.16
C TYR C 172 -16.73 14.62 6.51
N SER C 173 -16.46 14.72 5.21
CA SER C 173 -16.90 15.84 4.40
C SER C 173 -17.52 15.31 3.12
N LEU C 174 -18.66 15.90 2.74
CA LEU C 174 -19.44 15.43 1.61
C LEU C 174 -19.61 16.55 0.59
N SER C 175 -19.64 16.16 -0.69
CA SER C 175 -19.91 17.08 -1.78
C SER C 175 -21.00 16.49 -2.66
N SER C 176 -21.99 17.31 -2.99
CA SER C 176 -23.04 16.94 -3.93
C SER C 176 -22.99 17.94 -5.09
N THR C 177 -22.98 17.41 -6.31
CA THR C 177 -22.82 18.23 -7.51
C THR C 177 -24.07 18.12 -8.38
N LEU C 178 -24.78 19.24 -8.52
CA LEU C 178 -25.98 19.31 -9.36
C LEU C 178 -25.57 19.84 -10.73
N THR C 179 -25.68 19.00 -11.75
CA THR C 179 -25.26 19.34 -13.11
C THR C 179 -26.48 19.41 -14.02
N LEU C 180 -26.61 20.53 -14.74
CA LEU C 180 -27.64 20.69 -15.75
C LEU C 180 -27.09 21.59 -16.86
N SER C 181 -27.86 21.69 -17.94
CA SER C 181 -27.42 22.47 -19.08
C SER C 181 -27.54 23.97 -18.80
N LYS C 182 -26.86 24.76 -19.63
CA LYS C 182 -26.97 26.21 -19.51
C LYS C 182 -28.41 26.67 -19.71
N ALA C 183 -29.09 26.12 -20.71
CA ALA C 183 -30.47 26.52 -20.98
C ALA C 183 -31.36 26.23 -19.78
N ASP C 184 -31.19 25.08 -19.14
CA ASP C 184 -31.99 24.76 -17.96
C ASP C 184 -31.58 25.61 -16.77
N TYR C 185 -30.29 25.96 -16.66
CA TYR C 185 -29.84 26.81 -15.57
C TYR C 185 -30.51 28.18 -15.63
N GLU C 186 -30.58 28.77 -16.83
CA GLU C 186 -31.15 30.10 -16.97
C GLU C 186 -32.68 30.11 -17.00
N LYS C 187 -33.31 28.93 -16.97
CA LYS C 187 -34.76 28.84 -16.91
C LYS C 187 -35.31 28.92 -15.49
N HIS C 188 -34.46 28.84 -14.47
CA HIS C 188 -34.91 28.79 -13.09
C HIS C 188 -34.05 29.71 -12.24
N LYS C 189 -34.60 30.10 -11.09
CA LYS C 189 -34.02 31.12 -10.23
C LYS C 189 -33.50 30.59 -8.90
N VAL C 190 -34.35 29.91 -8.13
CA VAL C 190 -33.97 29.42 -6.82
C VAL C 190 -33.25 28.08 -6.97
N TYR C 191 -32.09 27.96 -6.33
CA TYR C 191 -31.34 26.71 -6.28
C TYR C 191 -31.06 26.40 -4.83
N ALA C 192 -31.72 25.37 -4.30
CA ALA C 192 -31.69 25.05 -2.88
C ALA C 192 -30.98 23.72 -2.64
N CYS C 193 -30.35 23.62 -1.48
CA CYS C 193 -29.66 22.41 -1.02
C CYS C 193 -30.19 22.08 0.37
N GLU C 194 -31.12 21.14 0.45
CA GLU C 194 -31.67 20.70 1.73
C GLU C 194 -30.86 19.52 2.24
N VAL C 195 -30.30 19.66 3.43
CA VAL C 195 -29.47 18.61 4.02
C VAL C 195 -30.11 18.15 5.33
N THR C 196 -30.07 16.85 5.56
CA THR C 196 -30.61 16.25 6.78
C THR C 196 -29.52 15.39 7.39
N HIS C 197 -29.27 15.58 8.68
CA HIS C 197 -28.22 14.85 9.37
C HIS C 197 -28.65 14.62 10.81
N GLN C 198 -28.03 13.61 11.43
CA GLN C 198 -28.33 13.30 12.82
C GLN C 198 -27.95 14.46 13.74
N GLY C 199 -26.95 15.26 13.36
CA GLY C 199 -26.51 16.37 14.18
C GLY C 199 -27.34 17.63 14.07
N LEU C 200 -28.30 17.69 13.15
CA LEU C 200 -29.16 18.85 12.98
C LEU C 200 -30.52 18.57 13.59
N SER C 201 -30.99 19.50 14.43
CA SER C 201 -32.32 19.35 15.02
C SER C 201 -33.40 19.33 13.94
N SER C 202 -33.24 20.16 12.92
CA SER C 202 -34.11 20.20 11.76
C SER C 202 -33.26 20.35 10.51
N PRO C 203 -33.74 19.89 9.35
CA PRO C 203 -32.94 20.01 8.13
C PRO C 203 -32.56 21.45 7.83
N VAL C 204 -31.35 21.63 7.31
CA VAL C 204 -30.80 22.94 6.98
C VAL C 204 -30.81 23.11 5.48
N THR C 205 -31.29 24.26 5.01
CA THR C 205 -31.37 24.56 3.59
C THR C 205 -30.48 25.76 3.28
N LYS C 206 -29.58 25.58 2.31
CA LYS C 206 -28.73 26.65 1.81
C LYS C 206 -29.11 26.96 0.37
N SER C 207 -29.39 28.22 0.09
CA SER C 207 -29.99 28.61 -1.18
C SER C 207 -29.28 29.81 -1.78
N PHE C 208 -29.45 29.97 -3.09
CA PHE C 208 -29.02 31.18 -3.78
C PHE C 208 -30.05 31.50 -4.87
N ASN C 209 -29.99 32.74 -5.35
CA ASN C 209 -30.77 33.17 -6.51
C ASN C 209 -29.79 33.51 -7.63
N ARG C 210 -30.07 32.99 -8.84
CA ARG C 210 -29.14 33.10 -9.94
C ARG C 210 -28.83 34.57 -10.24
N GLY C 211 -27.55 34.92 -10.18
CA GLY C 211 -27.10 36.27 -10.42
C GLY C 211 -27.11 37.16 -9.18
N GLU C 212 -27.97 36.87 -8.21
CA GLU C 212 -28.08 37.67 -7.01
C GLU C 212 -26.95 37.37 -6.02
S SO4 D . 28.77 -35.04 -0.07
O1 SO4 D . 28.44 -36.35 -0.65
O2 SO4 D . 29.91 -34.46 -0.79
O3 SO4 D . 27.62 -34.16 -0.19
O4 SO4 D . 29.12 -35.21 1.34
S SO4 E . 19.08 -34.37 -9.46
O1 SO4 E . 20.24 -34.41 -10.35
O2 SO4 E . 19.27 -33.37 -8.42
O3 SO4 E . 17.88 -34.02 -10.24
O4 SO4 E . 18.91 -35.69 -8.86
S SO4 F . 18.73 -22.04 21.33
O1 SO4 F . 19.91 -22.81 20.91
O2 SO4 F . 18.82 -20.68 20.80
O3 SO4 F . 17.52 -22.69 20.81
O4 SO4 F . 18.67 -21.99 22.79
S SO4 G . 17.08 0.55 6.54
O1 SO4 G . 17.97 0.92 5.44
O2 SO4 G . 17.85 0.34 7.76
O3 SO4 G . 16.11 1.61 6.77
O4 SO4 G . 16.37 -0.69 6.22
S SO4 H . 11.61 -14.64 -16.01
O1 SO4 H . 11.19 -14.86 -17.40
O2 SO4 H . 12.97 -14.12 -16.00
O3 SO4 H . 10.72 -13.65 -15.40
O4 SO4 H . 11.55 -15.89 -15.26
S SO4 I . 2.49 7.90 8.93
O1 SO4 I . 2.26 6.94 7.85
O2 SO4 I . 3.91 8.24 8.98
O3 SO4 I . 1.71 9.11 8.68
O4 SO4 I . 2.08 7.30 10.19
S SO4 J . -21.40 2.16 15.32
O1 SO4 J . -20.93 1.11 14.41
O2 SO4 J . -20.67 3.40 15.03
O3 SO4 J . -22.83 2.37 15.15
O4 SO4 J . -21.13 1.75 16.70
#